data_5FPX
#
_entry.id   5FPX
#
_cell.length_a   39.920
_cell.length_b   73.760
_cell.length_c   83.680
_cell.angle_alpha   90.00
_cell.angle_beta   90.00
_cell.angle_gamma   90.00
#
_symmetry.space_group_name_H-M   'P 21 21 21'
#
loop_
_entity.id
_entity.type
_entity.pdbx_description
1 polymer 'PECTIN DEGRADATION PROTEIN'
2 polymer PEPTIDE
3 non-polymer 'NICKEL (II) ION'
4 water water
#
loop_
_entity_poly.entity_id
_entity_poly.type
_entity_poly.pdbx_seq_one_letter_code
_entity_poly.pdbx_strand_id
1 'polypeptide(L)'
;HMASKMFFINDETPWEELGNGIKRKVMTWSDDLMMVCVHFDKGAIGVAHKHDIHDQIAYVAAGSFEVEIEGQKRILKAGD
AYRAVKNEMHGAVSLEDNSILIDTFNPKRDDFL
;
A,B
2 'polypeptide(L)' GSSHHHHH E,F
#
# COMPACT_ATOMS: atom_id res chain seq x y z
N MET A 2 -15.55 2.43 14.30
CA MET A 2 -14.67 1.64 15.20
C MET A 2 -13.30 2.31 15.35
N ALA A 3 -12.48 1.80 16.29
CA ALA A 3 -11.15 2.26 16.55
C ALA A 3 -10.24 1.73 15.45
N SER A 4 -9.24 2.52 15.15
CA SER A 4 -8.19 2.15 14.25
C SER A 4 -7.34 1.00 14.76
N LYS A 5 -6.82 0.21 13.84
CA LYS A 5 -6.12 -1.05 14.22
C LYS A 5 -4.62 -0.90 14.15
N MET A 6 -3.94 -1.44 15.16
CA MET A 6 -2.52 -1.59 15.10
C MET A 6 -2.18 -2.66 14.05
N PHE A 7 -2.92 -3.77 14.10
CA PHE A 7 -2.74 -4.94 13.23
C PHE A 7 -4.02 -5.24 12.51
N PHE A 8 -3.95 -5.19 11.20
CA PHE A 8 -5.09 -5.57 10.37
C PHE A 8 -4.87 -6.98 9.83
N ILE A 9 -5.75 -7.89 10.20
CA ILE A 9 -5.72 -9.28 9.81
C ILE A 9 -6.83 -9.48 8.78
N ASN A 10 -6.43 -9.65 7.55
CA ASN A 10 -7.36 -9.64 6.44
C ASN A 10 -8.43 -10.75 6.55
N ASP A 11 -8.01 -11.94 6.82
CA ASP A 11 -8.98 -13.01 6.79
C ASP A 11 -9.89 -13.00 8.01
N GLU A 12 -9.66 -12.13 8.98
CA GLU A 12 -10.53 -11.99 10.15
C GLU A 12 -11.49 -10.86 10.04
N THR A 13 -11.46 -10.14 8.93
CA THR A 13 -12.18 -8.92 8.75
C THR A 13 -13.14 -9.07 7.55
N PRO A 14 -14.45 -8.84 7.79
CA PRO A 14 -15.40 -8.99 6.69
C PRO A 14 -15.31 -7.88 5.67
N TRP A 15 -15.81 -8.16 4.46
CA TRP A 15 -16.02 -7.15 3.44
C TRP A 15 -17.20 -6.23 3.68
N GLU A 16 -17.06 -4.97 3.26
CA GLU A 16 -18.16 -4.06 3.18
C GLU A 16 -18.58 -3.98 1.72
N GLU A 17 -19.82 -4.38 1.40
CA GLU A 17 -20.26 -4.44 0.01
C GLU A 17 -20.60 -3.04 -0.43
N LEU A 18 -20.15 -2.66 -1.63
CA LEU A 18 -20.34 -1.29 -2.14
C LEU A 18 -21.27 -1.29 -3.35
N GLY A 19 -21.58 -2.45 -3.90
CA GLY A 19 -22.46 -2.51 -5.05
C GLY A 19 -21.68 -2.58 -6.32
N ASN A 20 -22.32 -3.13 -7.35
CA ASN A 20 -21.78 -3.08 -8.70
C ASN A 20 -20.41 -3.75 -8.82
N GLY A 21 -20.26 -4.89 -8.16
CA GLY A 21 -19.07 -5.69 -8.20
C GLY A 21 -17.87 -5.24 -7.37
N ILE A 22 -18.09 -4.24 -6.51
CA ILE A 22 -17.03 -3.68 -5.65
C ILE A 22 -17.34 -3.86 -4.17
N LYS A 23 -16.34 -4.26 -3.40
CA LYS A 23 -16.47 -4.38 -1.94
C LYS A 23 -15.13 -3.91 -1.36
N ARG A 24 -15.11 -3.53 -0.09
CA ARG A 24 -13.90 -2.99 0.52
C ARG A 24 -13.73 -3.34 1.96
N LYS A 25 -12.50 -3.15 2.43
CA LYS A 25 -12.21 -3.15 3.85
C LYS A 25 -11.40 -1.95 4.16
N VAL A 26 -11.84 -1.14 5.10
CA VAL A 26 -11.00 -0.11 5.66
C VAL A 26 -10.00 -0.86 6.55
N MET A 27 -8.73 -0.73 6.24
CA MET A 27 -7.70 -1.55 6.89
C MET A 27 -7.24 -0.96 8.20
N THR A 28 -6.68 0.24 8.13
CA THR A 28 -6.30 1.00 9.30
C THR A 28 -6.07 2.43 8.92
N TRP A 29 -5.91 3.31 9.90
CA TRP A 29 -5.69 4.71 9.61
C TRP A 29 -5.11 5.36 10.84
N SER A 30 -4.55 6.51 10.59
CA SER A 30 -4.13 7.46 11.61
C SER A 30 -4.72 8.81 11.25
N ASP A 31 -4.30 9.88 11.94
CA ASP A 31 -4.78 11.19 11.54
C ASP A 31 -4.30 11.59 10.15
N ASP A 32 -3.14 11.07 9.76
CA ASP A 32 -2.43 11.51 8.59
C ASP A 32 -2.50 10.54 7.39
N LEU A 33 -2.91 9.30 7.64
CA LEU A 33 -2.84 8.27 6.61
C LEU A 33 -3.99 7.34 6.77
N MET A 34 -4.45 6.76 5.65
CA MET A 34 -5.50 5.77 5.65
C MET A 34 -5.20 4.75 4.57
N MET A 35 -5.49 3.49 4.86
CA MET A 35 -5.30 2.41 3.89
C MET A 35 -6.60 1.63 3.77
N VAL A 36 -7.04 1.36 2.51
CA VAL A 36 -8.26 0.64 2.22
C VAL A 36 -8.05 -0.42 1.15
N CYS A 37 -8.57 -1.60 1.36
CA CYS A 37 -8.55 -2.73 0.41
CA CYS A 37 -8.50 -2.61 0.31
C CYS A 37 -9.82 -2.70 -0.43
N VAL A 38 -9.67 -2.60 -1.73
CA VAL A 38 -10.83 -2.44 -2.62
C VAL A 38 -10.81 -3.62 -3.59
N HIS A 39 -11.86 -4.45 -3.57
CA HIS A 39 -11.92 -5.68 -4.32
C HIS A 39 -12.93 -5.52 -5.46
N PHE A 40 -12.53 -5.95 -6.64
CA PHE A 40 -13.32 -5.76 -7.86
C PHE A 40 -13.56 -7.11 -8.60
N ASP A 41 -14.81 -7.31 -9.01
CA ASP A 41 -15.12 -8.35 -9.99
C ASP A 41 -14.60 -7.94 -11.34
N LYS A 42 -14.47 -8.90 -12.25
CA LYS A 42 -14.22 -8.53 -13.66
C LYS A 42 -15.21 -7.52 -14.16
N GLY A 43 -14.73 -6.47 -14.82
CA GLY A 43 -15.61 -5.45 -15.37
C GLY A 43 -16.16 -4.40 -14.41
N ALA A 44 -15.86 -4.56 -13.12
CA ALA A 44 -16.30 -3.58 -12.16
C ALA A 44 -15.54 -2.29 -12.41
N ILE A 45 -16.25 -1.20 -12.26
CA ILE A 45 -15.78 0.12 -12.60
C ILE A 45 -15.64 1.02 -11.36
N GLY A 46 -14.39 1.43 -11.11
CA GLY A 46 -14.14 2.59 -10.26
C GLY A 46 -14.32 3.88 -10.98
N VAL A 47 -15.49 4.48 -10.80
CA VAL A 47 -15.89 5.62 -11.56
C VAL A 47 -14.92 6.78 -11.34
N ALA A 48 -14.54 7.39 -12.45
CA ALA A 48 -13.59 8.46 -12.49
C ALA A 48 -14.06 9.57 -11.59
N HIS A 49 -13.14 10.05 -10.78
CA HIS A 49 -13.37 11.11 -9.83
C HIS A 49 -12.10 11.77 -9.43
N LYS A 50 -12.18 12.87 -8.68
CA LYS A 50 -11.02 13.60 -8.22
C LYS A 50 -11.26 14.03 -6.78
N HIS A 51 -10.16 14.23 -6.07
CA HIS A 51 -10.18 14.69 -4.69
C HIS A 51 -9.57 16.07 -4.64
N ASP A 52 -10.32 17.03 -4.08
CA ASP A 52 -9.89 18.42 -3.97
C ASP A 52 -8.66 18.55 -3.13
N ILE A 53 -8.62 17.83 -2.04
CA ILE A 53 -7.64 18.19 -1.03
C ILE A 53 -6.74 17.06 -0.59
N HIS A 54 -6.80 15.90 -1.24
CA HIS A 54 -5.75 14.98 -0.92
C HIS A 54 -5.23 14.16 -2.08
N ASP A 55 -4.09 13.54 -1.77
CA ASP A 55 -3.39 12.70 -2.73
C ASP A 55 -3.74 11.24 -2.49
N GLN A 56 -3.50 10.43 -3.52
CA GLN A 56 -3.79 9.01 -3.44
C GLN A 56 -2.71 8.22 -4.17
N ILE A 57 -2.20 7.19 -3.52
CA ILE A 57 -1.35 6.22 -4.21
C ILE A 57 -1.94 4.83 -3.98
N ALA A 58 -2.10 4.06 -5.06
CA ALA A 58 -2.71 2.77 -4.92
C ALA A 58 -1.81 1.66 -5.50
N TYR A 59 -1.77 0.53 -4.78
CA TYR A 59 -0.98 -0.61 -5.09
C TYR A 59 -1.88 -1.71 -5.64
N VAL A 60 -1.53 -2.36 -6.75
CA VAL A 60 -2.25 -3.47 -7.27
C VAL A 60 -1.84 -4.76 -6.54
N ALA A 61 -2.69 -5.27 -5.66
CA ALA A 61 -2.34 -6.38 -4.85
C ALA A 61 -2.60 -7.69 -5.62
N ALA A 62 -3.59 -7.68 -6.49
CA ALA A 62 -4.04 -8.90 -7.19
C ALA A 62 -4.77 -8.55 -8.47
N GLY A 63 -4.78 -9.45 -9.47
CA GLY A 63 -5.50 -9.20 -10.67
C GLY A 63 -4.92 -8.08 -11.52
N SER A 64 -5.77 -7.41 -12.27
CA SER A 64 -5.29 -6.36 -13.15
C SER A 64 -6.37 -5.38 -13.45
N PHE A 65 -5.92 -4.17 -13.84
CA PHE A 65 -6.80 -3.07 -14.10
C PHE A 65 -6.36 -2.24 -15.27
N GLU A 66 -7.30 -1.66 -15.96
CA GLU A 66 -7.03 -0.51 -16.79
C GLU A 66 -7.24 0.74 -15.94
N VAL A 67 -6.20 1.56 -15.72
CA VAL A 67 -6.27 2.76 -14.90
C VAL A 67 -6.08 3.97 -15.79
N GLU A 68 -6.98 4.94 -15.68
CA GLU A 68 -6.93 6.19 -16.41
C GLU A 68 -6.79 7.36 -15.46
N ILE A 69 -5.75 8.17 -15.68
CA ILE A 69 -5.48 9.32 -14.87
C ILE A 69 -5.28 10.53 -15.78
N GLU A 70 -6.18 11.50 -15.70
CA GLU A 70 -6.07 12.68 -16.54
C GLU A 70 -5.77 12.35 -17.99
N GLY A 71 -6.52 11.38 -18.51
CA GLY A 71 -6.48 10.99 -19.89
C GLY A 71 -5.33 10.12 -20.32
N GLN A 72 -4.51 9.70 -19.38
CA GLN A 72 -3.46 8.73 -19.65
C GLN A 72 -3.91 7.41 -19.06
N LYS A 73 -3.63 6.32 -19.76
CA LYS A 73 -4.25 5.02 -19.47
C LYS A 73 -3.23 3.92 -19.60
N ARG A 74 -3.07 3.10 -18.56
CA ARG A 74 -2.15 1.97 -18.56
C ARG A 74 -2.86 0.76 -17.99
N ILE A 75 -2.47 -0.41 -18.47
CA ILE A 75 -2.86 -1.65 -17.84
C ILE A 75 -1.84 -2.04 -16.77
N LEU A 76 -2.31 -2.15 -15.53
CA LEU A 76 -1.54 -2.51 -14.36
C LEU A 76 -1.91 -3.88 -13.84
N LYS A 77 -0.89 -4.62 -13.39
CA LYS A 77 -1.07 -5.95 -12.82
C LYS A 77 -0.45 -6.04 -11.44
N ALA A 78 -0.63 -7.15 -10.75
CA ALA A 78 -0.18 -7.25 -9.38
C ALA A 78 1.30 -6.89 -9.25
N GLY A 79 1.58 -6.00 -8.28
CA GLY A 79 2.91 -5.47 -8.04
C GLY A 79 3.08 -4.03 -8.52
N ASP A 80 2.19 -3.61 -9.43
CA ASP A 80 2.23 -2.28 -9.97
C ASP A 80 1.51 -1.29 -9.01
N ALA A 81 1.62 0.01 -9.32
CA ALA A 81 1.00 1.05 -8.52
C ALA A 81 0.69 2.27 -9.39
N TYR A 82 -0.19 3.14 -8.88
CA TYR A 82 -0.46 4.41 -9.59
C TYR A 82 -0.60 5.54 -8.56
N ARG A 83 -0.35 6.74 -9.04
CA ARG A 83 -0.43 7.99 -8.27
C ARG A 83 -1.49 8.90 -8.87
N ALA A 84 -2.40 9.41 -8.02
CA ALA A 84 -3.28 10.48 -8.47
C ALA A 84 -3.16 11.60 -7.40
N VAL A 85 -2.59 12.71 -7.80
CA VAL A 85 -2.49 13.83 -6.83
C VAL A 85 -3.81 14.60 -6.81
N LYS A 86 -3.98 15.40 -5.77
CA LYS A 86 -5.22 16.15 -5.66
C LYS A 86 -5.56 16.85 -6.97
N ASN A 87 -6.85 16.83 -7.22
CA ASN A 87 -7.49 17.38 -8.43
C ASN A 87 -7.21 16.68 -9.74
N GLU A 88 -6.56 15.53 -9.67
CA GLU A 88 -6.43 14.70 -10.86
C GLU A 88 -7.54 13.66 -10.93
N MET A 89 -8.24 13.66 -12.07
CA MET A 89 -9.28 12.67 -12.31
C MET A 89 -8.64 11.30 -12.50
N HIS A 90 -9.17 10.29 -11.85
CA HIS A 90 -8.64 8.94 -11.90
C HIS A 90 -9.75 7.96 -11.76
N GLY A 91 -9.66 6.86 -12.50
CA GLY A 91 -10.59 5.79 -12.40
C GLY A 91 -9.95 4.49 -12.82
N ALA A 92 -10.64 3.39 -12.60
CA ALA A 92 -10.09 2.06 -12.81
C ALA A 92 -11.17 1.14 -13.25
N VAL A 93 -10.86 0.27 -14.19
CA VAL A 93 -11.74 -0.81 -14.62
C VAL A 93 -11.03 -2.14 -14.39
N SER A 94 -11.65 -3.04 -13.60
CA SER A 94 -11.08 -4.31 -13.35
C SER A 94 -11.12 -5.25 -14.58
N LEU A 95 -10.01 -5.88 -14.83
CA LEU A 95 -9.88 -6.75 -16.02
C LEU A 95 -10.10 -8.22 -15.67
N GLU A 96 -10.26 -8.56 -14.39
CA GLU A 96 -10.50 -9.93 -14.02
C GLU A 96 -11.07 -10.01 -12.62
N ASP A 97 -11.71 -11.14 -12.34
CA ASP A 97 -12.24 -11.33 -10.99
C ASP A 97 -11.10 -11.30 -9.96
N ASN A 98 -11.51 -10.94 -8.76
CA ASN A 98 -10.67 -10.92 -7.59
C ASN A 98 -9.46 -10.00 -7.78
N SER A 99 -9.70 -8.92 -8.48
CA SER A 99 -8.67 -7.90 -8.58
C SER A 99 -8.77 -6.95 -7.40
N ILE A 100 -7.62 -6.56 -6.87
CA ILE A 100 -7.56 -5.78 -5.64
C ILE A 100 -6.59 -4.61 -5.74
N LEU A 101 -7.05 -3.44 -5.28
CA LEU A 101 -6.26 -2.23 -5.18
C LEU A 101 -6.21 -1.90 -3.67
N ILE A 102 -5.01 -1.62 -3.19
CA ILE A 102 -4.77 -1.09 -1.84
C ILE A 102 -4.58 0.38 -2.03
N ASP A 103 -5.60 1.15 -1.63
CA ASP A 103 -5.56 2.58 -1.68
C ASP A 103 -5.00 3.19 -0.44
N THR A 104 -4.10 4.14 -0.63
CA THR A 104 -3.52 4.93 0.48
C THR A 104 -3.70 6.41 0.20
N PHE A 105 -4.07 7.14 1.24
CA PHE A 105 -4.29 8.54 1.08
C PHE A 105 -4.17 9.22 2.39
N ASN A 106 -4.10 10.55 2.33
CA ASN A 106 -4.03 11.37 3.50
C ASN A 106 -5.35 12.12 3.71
N PRO A 107 -6.34 11.52 4.42
CA PRO A 107 -7.61 12.25 4.51
C PRO A 107 -7.50 13.37 5.59
N HIS B 1 17.25 12.79 -7.76
CA HIS B 1 16.87 13.64 -8.94
C HIS B 1 15.83 13.02 -9.87
N MET B 2 15.45 11.73 -9.68
CA MET B 2 14.46 11.12 -10.59
C MET B 2 13.06 11.60 -10.23
N ALA B 3 12.24 11.87 -11.26
CA ALA B 3 10.89 12.39 -11.12
C ALA B 3 9.98 11.27 -10.63
N SER B 4 8.95 11.64 -9.86
CA SER B 4 7.95 10.66 -9.41
C SER B 4 7.11 10.16 -10.58
N LYS B 5 6.60 8.95 -10.45
CA LYS B 5 5.88 8.28 -11.49
C LYS B 5 4.36 8.36 -11.32
N MET B 6 3.66 8.54 -12.44
CA MET B 6 2.19 8.44 -12.42
C MET B 6 1.88 6.93 -12.31
N PHE B 7 2.60 6.13 -13.11
CA PHE B 7 2.43 4.67 -13.18
C PHE B 7 3.74 4.01 -12.80
N PHE B 8 3.69 3.22 -11.75
CA PHE B 8 4.79 2.35 -11.34
C PHE B 8 4.53 0.95 -11.92
N ILE B 9 5.45 0.54 -12.77
CA ILE B 9 5.40 -0.81 -13.35
C ILE B 9 6.52 -1.62 -12.73
N ASN B 10 6.17 -2.54 -11.87
CA ASN B 10 7.09 -3.25 -11.03
C ASN B 10 8.14 -4.00 -11.84
N ASP B 11 7.71 -4.76 -12.83
CA ASP B 11 8.70 -5.62 -13.53
C ASP B 11 9.61 -4.84 -14.46
N GLU B 12 9.39 -3.54 -14.57
CA GLU B 12 10.23 -2.65 -15.38
C GLU B 12 11.18 -1.82 -14.56
N THR B 13 11.21 -2.01 -13.23
CA THR B 13 11.92 -1.20 -12.29
C THR B 13 12.88 -2.10 -11.50
N PRO B 14 14.16 -1.77 -11.50
CA PRO B 14 15.03 -2.64 -10.76
C PRO B 14 15.00 -2.44 -9.25
N TRP B 15 15.54 -3.44 -8.54
CA TRP B 15 15.71 -3.42 -7.11
C TRP B 15 16.92 -2.60 -6.72
N GLU B 16 16.84 -1.94 -5.59
CA GLU B 16 17.97 -1.32 -4.92
C GLU B 16 18.34 -2.28 -3.78
N GLU B 17 19.51 -2.91 -3.87
CA GLU B 17 20.00 -3.76 -2.80
C GLU B 17 20.40 -2.97 -1.59
N LEU B 18 19.95 -3.43 -0.44
CA LEU B 18 20.25 -2.76 0.80
C LEU B 18 21.20 -3.58 1.69
N GLY B 19 21.51 -4.80 1.27
CA GLY B 19 22.29 -5.71 2.07
C GLY B 19 21.46 -6.45 3.10
N ASN B 20 22.09 -7.43 3.71
CA ASN B 20 21.51 -8.25 4.77
C ASN B 20 20.13 -8.83 4.46
N GLY B 21 19.90 -9.22 3.20
CA GLY B 21 18.69 -9.93 2.81
C GLY B 21 17.55 -8.97 2.46
N ILE B 22 17.84 -7.67 2.40
CA ILE B 22 16.74 -6.69 2.12
C ILE B 22 17.05 -5.93 0.83
N LYS B 23 16.02 -5.76 -0.02
CA LYS B 23 16.15 -4.87 -1.17
C LYS B 23 14.86 -4.05 -1.28
N ARG B 24 14.90 -2.95 -2.00
CA ARG B 24 13.69 -2.14 -2.12
C ARG B 24 13.52 -1.48 -3.45
N LYS B 25 12.30 -1.01 -3.72
CA LYS B 25 12.04 -0.08 -4.80
C LYS B 25 11.22 1.08 -4.27
N VAL B 26 11.71 2.30 -4.41
CA VAL B 26 10.88 3.45 -4.23
C VAL B 26 9.90 3.44 -5.41
N MET B 27 8.60 3.41 -5.12
CA MET B 27 7.60 3.17 -6.17
C MET B 27 7.09 4.47 -6.78
N THR B 28 6.52 5.33 -5.94
CA THR B 28 6.13 6.66 -6.36
C THR B 28 5.81 7.49 -5.12
N TRP B 29 5.61 8.79 -5.34
CA TRP B 29 5.38 9.72 -4.27
C TRP B 29 4.79 11.00 -4.78
N SER B 30 4.21 11.74 -3.83
CA SER B 30 3.80 13.10 -4.03
C SER B 30 4.43 13.91 -2.91
N ASP B 31 4.07 15.19 -2.79
CA ASP B 31 4.61 15.97 -1.68
C ASP B 31 4.16 15.39 -0.35
N ASP B 32 2.98 14.75 -0.33
CA ASP B 32 2.29 14.38 0.88
C ASP B 32 2.33 12.87 1.23
N LEU B 33 2.75 12.05 0.28
CA LEU B 33 2.61 10.59 0.37
C LEU B 33 3.73 9.90 -0.41
N MET B 34 4.21 8.77 0.12
CA MET B 34 5.26 8.00 -0.54
C MET B 34 4.97 6.49 -0.34
N MET B 35 5.31 5.72 -1.33
CA MET B 35 5.08 4.25 -1.33
C MET B 35 6.38 3.55 -1.78
N VAL B 36 6.85 2.61 -0.94
CA VAL B 36 8.08 1.89 -1.18
C VAL B 36 7.82 0.39 -0.99
N CYS B 37 8.35 -0.41 -1.88
CA CYS B 37 8.27 -1.85 -1.82
CA CYS B 37 8.21 -1.83 -1.65
C CYS B 37 9.53 -2.36 -1.15
N VAL B 38 9.44 -3.10 -0.06
CA VAL B 38 10.62 -3.65 0.63
C VAL B 38 10.52 -5.16 0.62
N HIS B 39 11.58 -5.81 0.12
CA HIS B 39 11.58 -7.25 -0.10
C HIS B 39 12.63 -7.88 0.83
N PHE B 40 12.25 -8.92 1.52
CA PHE B 40 13.06 -9.61 2.55
C PHE B 40 13.18 -11.11 2.21
N ASP B 41 14.43 -11.62 2.32
CA ASP B 41 14.71 -13.04 2.40
C ASP B 41 14.29 -13.54 3.79
N LYS B 42 14.12 -14.84 3.91
CA LYS B 42 13.83 -15.43 5.24
C LYS B 42 14.81 -15.02 6.27
N GLY B 43 14.34 -14.55 7.42
CA GLY B 43 15.25 -14.15 8.47
C GLY B 43 15.81 -12.80 8.38
N ALA B 44 15.57 -12.07 7.26
CA ALA B 44 16.01 -10.68 7.23
C ALA B 44 15.21 -9.84 8.19
N ILE B 45 15.90 -8.87 8.83
CA ILE B 45 15.39 -8.06 9.91
C ILE B 45 15.30 -6.60 9.56
N GLY B 46 14.07 -6.07 9.67
CA GLY B 46 13.83 -4.66 9.67
C GLY B 46 14.05 -4.19 11.07
N VAL B 47 15.25 -3.69 11.34
CA VAL B 47 15.59 -3.23 12.70
C VAL B 47 14.61 -2.21 13.29
N ALA B 48 14.24 -2.40 14.54
CA ALA B 48 13.25 -1.62 15.16
C ALA B 48 13.71 -0.17 15.26
N HIS B 49 12.81 0.71 14.86
CA HIS B 49 13.06 2.15 14.80
C HIS B 49 11.78 2.92 14.93
N LYS B 50 11.89 4.24 15.06
CA LYS B 50 10.72 5.07 15.07
C LYS B 50 10.93 6.31 14.21
N HIS B 51 9.81 6.91 13.83
CA HIS B 51 9.79 8.16 13.06
C HIS B 51 9.19 9.24 13.93
N ASP B 52 9.97 10.31 14.16
CA ASP B 52 9.54 11.42 15.04
C ASP B 52 8.31 12.18 14.58
N ILE B 53 8.22 12.40 13.29
CA ILE B 53 7.24 13.33 12.76
C ILE B 53 6.32 12.74 11.71
N HIS B 54 6.36 11.43 11.48
CA HIS B 54 5.41 10.91 10.50
C HIS B 54 4.90 9.51 10.83
N ASP B 55 3.74 9.25 10.29
CA ASP B 55 3.05 7.97 10.46
C ASP B 55 3.48 7.04 9.37
N GLN B 56 3.21 5.76 9.59
CA GLN B 56 3.51 4.72 8.63
C GLN B 56 2.43 3.65 8.65
N ILE B 57 1.99 3.21 7.48
CA ILE B 57 1.08 2.10 7.37
C ILE B 57 1.69 1.17 6.31
N ALA B 58 1.81 -0.12 6.62
CA ALA B 58 2.43 -1.05 5.69
C ALA B 58 1.55 -2.25 5.42
N TYR B 59 1.49 -2.58 4.14
CA TYR B 59 0.73 -3.71 3.60
C TYR B 59 1.65 -4.91 3.33
N VAL B 60 1.24 -6.10 3.78
CA VAL B 60 1.97 -7.33 3.43
C VAL B 60 1.50 -7.89 2.07
N ALA B 61 2.32 -7.66 1.06
CA ALA B 61 2.02 -8.03 -0.28
C ALA B 61 2.27 -9.48 -0.54
N ALA B 62 3.25 -10.05 0.18
CA ALA B 62 3.66 -11.42 -0.08
C ALA B 62 4.41 -11.95 1.12
N GLY B 63 4.31 -13.25 1.30
CA GLY B 63 5.08 -13.90 2.36
C GLY B 63 4.51 -13.62 3.72
N SER B 64 5.35 -13.59 4.71
CA SER B 64 4.94 -13.40 6.09
C SER B 64 6.05 -12.80 6.96
N PHE B 65 5.62 -12.18 8.05
CA PHE B 65 6.48 -11.42 8.95
C PHE B 65 6.03 -11.56 10.38
N GLU B 66 6.99 -11.60 11.28
CA GLU B 66 6.72 -11.17 12.63
C GLU B 66 6.96 -9.68 12.83
N VAL B 67 5.91 -8.96 13.19
CA VAL B 67 5.97 -7.49 13.35
C VAL B 67 5.78 -7.08 14.79
N GLU B 68 6.66 -6.25 15.34
CA GLU B 68 6.59 -5.85 16.74
C GLU B 68 6.47 -4.34 16.76
N ILE B 69 5.38 -3.86 17.38
CA ILE B 69 5.14 -2.42 17.53
C ILE B 69 4.93 -2.15 18.99
N GLU B 70 5.79 -1.28 19.54
CA GLU B 70 5.68 -0.89 20.97
C GLU B 70 5.37 -2.12 21.88
N GLY B 71 6.15 -3.16 21.66
CA GLY B 71 6.11 -4.37 22.46
C GLY B 71 5.00 -5.38 22.18
N GLN B 72 4.13 -5.09 21.23
CA GLN B 72 3.10 -6.04 20.80
C GLN B 72 3.55 -6.68 19.51
N LYS B 73 3.28 -7.97 19.37
CA LYS B 73 3.89 -8.75 18.29
C LYS B 73 2.86 -9.65 17.67
N ARG B 74 2.76 -9.64 16.33
CA ARG B 74 1.83 -10.50 15.61
C ARG B 74 2.54 -11.05 14.37
N ILE B 75 2.15 -12.24 13.94
CA ILE B 75 2.56 -12.83 12.67
C ILE B 75 1.54 -12.37 11.64
N LEU B 76 2.02 -11.66 10.62
CA LEU B 76 1.19 -11.14 9.53
C LEU B 76 1.53 -11.86 8.24
N LYS B 77 0.52 -12.13 7.42
CA LYS B 77 0.74 -12.78 6.12
C LYS B 77 0.15 -11.94 5.02
N ALA B 78 0.35 -12.37 3.79
CA ALA B 78 -0.11 -11.57 2.65
C ALA B 78 -1.57 -11.21 2.79
N GLY B 79 -1.86 -9.90 2.61
CA GLY B 79 -3.19 -9.35 2.78
C GLY B 79 -3.32 -8.51 4.04
N ASP B 80 -2.49 -8.81 5.05
CA ASP B 80 -2.52 -8.10 6.32
C ASP B 80 -1.80 -6.75 6.22
N ALA B 81 -1.90 -5.98 7.27
CA ALA B 81 -1.23 -4.67 7.35
C ALA B 81 -0.94 -4.29 8.79
N TYR B 82 -0.10 -3.28 8.97
CA TYR B 82 0.12 -2.79 10.29
C TYR B 82 0.29 -1.28 10.24
N ARG B 83 -0.01 -0.67 11.37
CA ARG B 83 0.13 0.77 11.60
C ARG B 83 1.18 1.07 12.64
N ALA B 84 2.08 2.00 12.34
CA ALA B 84 2.96 2.56 13.39
C ALA B 84 2.87 4.08 13.30
N VAL B 85 2.20 4.66 14.29
CA VAL B 85 2.12 6.14 14.30
C VAL B 85 3.44 6.76 14.77
N LYS B 86 3.60 8.05 14.48
CA LYS B 86 4.81 8.76 14.89
C LYS B 86 5.21 8.42 16.34
N ASN B 87 6.50 8.22 16.50
CA ASN B 87 7.14 7.87 17.76
C ASN B 87 6.92 6.49 18.26
N GLU B 88 6.26 5.63 17.48
CA GLU B 88 6.11 4.24 17.89
C GLU B 88 7.20 3.38 17.30
N MET B 89 7.89 2.62 18.15
CA MET B 89 8.94 1.73 17.70
C MET B 89 8.27 0.60 16.96
N HIS B 90 8.83 0.26 15.81
CA HIS B 90 8.32 -0.87 15.00
C HIS B 90 9.48 -1.55 14.32
N GLY B 91 9.36 -2.86 14.16
CA GLY B 91 10.33 -3.66 13.45
C GLY B 91 9.70 -4.92 12.92
N ALA B 92 10.41 -5.59 12.03
CA ALA B 92 9.82 -6.77 11.36
C ALA B 92 10.88 -7.78 11.15
N VAL B 93 10.47 -9.04 11.14
CA VAL B 93 11.37 -10.11 10.76
C VAL B 93 10.68 -10.99 9.73
N SER B 94 11.27 -11.10 8.55
CA SER B 94 10.73 -12.00 7.53
C SER B 94 10.75 -13.46 7.93
N LEU B 95 9.64 -14.16 7.74
CA LEU B 95 9.48 -15.59 8.04
C LEU B 95 9.67 -16.47 6.85
N GLU B 96 9.87 -15.88 5.66
CA GLU B 96 10.00 -16.71 4.43
C GLU B 96 10.61 -15.84 3.33
N ASP B 97 11.25 -16.48 2.36
CA ASP B 97 11.82 -15.76 1.24
C ASP B 97 10.68 -15.06 0.52
N ASN B 98 11.10 -14.00 -0.17
CA ASN B 98 10.20 -13.28 -1.09
C ASN B 98 9.05 -12.72 -0.33
N SER B 99 9.31 -12.31 0.92
CA SER B 99 8.27 -11.60 1.73
C SER B 99 8.40 -10.07 1.43
N ILE B 100 7.24 -9.43 1.18
CA ILE B 100 7.25 -8.03 0.70
C ILE B 100 6.30 -7.18 1.56
N LEU B 101 6.80 -6.09 2.06
CA LEU B 101 6.01 -5.01 2.67
C LEU B 101 5.93 -3.78 1.76
N ILE B 102 4.71 -3.29 1.58
CA ILE B 102 4.50 -2.05 0.82
C ILE B 102 4.30 -0.97 1.91
N ASP B 103 5.33 -0.14 2.12
CA ASP B 103 5.37 0.91 3.13
C ASP B 103 4.75 2.18 2.56
N THR B 104 3.85 2.79 3.31
CA THR B 104 3.30 4.09 2.98
C THR B 104 3.47 5.08 4.12
N PHE B 105 3.83 6.31 3.79
CA PHE B 105 4.12 7.27 4.80
C PHE B 105 4.03 8.65 4.24
N ASN B 106 3.90 9.62 5.17
CA ASN B 106 3.72 11.02 4.86
C ASN B 106 4.98 11.87 4.81
N PRO B 107 5.96 11.49 3.98
CA PRO B 107 6.64 12.23 2.91
C PRO B 107 6.08 12.05 1.50
N GLY C 1 -10.61 7.22 -3.79
CA GLY C 1 -9.85 5.93 -3.85
C GLY C 1 -9.76 5.47 -5.29
N SER C 2 -9.72 4.17 -5.44
CA SER C 2 -9.75 3.52 -6.73
C SER C 2 -11.16 3.26 -7.21
N SER C 3 -12.10 3.32 -6.28
CA SER C 3 -13.52 3.53 -6.64
C SER C 3 -13.96 4.93 -6.15
N HIS C 4 -15.18 5.29 -6.57
CA HIS C 4 -15.73 6.63 -6.37
C HIS C 4 -16.46 6.70 -5.02
N HIS C 5 -16.47 5.64 -4.22
CA HIS C 5 -17.16 5.70 -2.92
C HIS C 5 -16.28 6.40 -1.86
N HIS C 6 -16.88 7.22 -0.99
CA HIS C 6 -16.19 7.64 0.27
C HIS C 6 -16.99 7.15 1.50
N HIS C 7 -16.51 7.48 2.71
CA HIS C 7 -16.79 6.67 3.91
C HIS C 7 -17.88 7.25 4.81
N GLY D 1 10.33 3.16 7.71
CA GLY D 1 9.72 2.05 6.89
C GLY D 1 9.55 0.77 7.66
N SER D 2 9.49 -0.34 6.96
CA SER D 2 9.47 -1.66 7.60
C SER D 2 10.88 -2.14 7.80
N SER D 3 11.83 -1.44 7.19
CA SER D 3 13.23 -1.57 7.61
C SER D 3 13.72 -0.22 8.14
N HIS D 4 14.88 -0.25 8.80
CA HIS D 4 15.53 0.92 9.40
C HIS D 4 16.00 1.95 8.38
N HIS D 5 16.19 1.54 7.13
CA HIS D 5 16.84 2.41 6.13
C HIS D 5 16.04 3.69 5.79
N HIS D 6 16.74 4.81 5.63
CA HIS D 6 16.14 5.99 5.03
C HIS D 6 16.46 6.01 3.52
N HIS D 7 15.73 6.85 2.78
CA HIS D 7 15.90 7.06 1.33
C HIS D 7 16.22 8.55 1.12
N HIS D 8 17.51 8.84 0.92
CA HIS D 8 17.98 10.22 0.72
C HIS D 8 17.44 10.83 -0.57
#